data_8DTQ
#
_entry.id   8DTQ
#
_cell.length_a   38.460
_cell.length_b   56.261
_cell.length_c   46.018
_cell.angle_alpha   90.000
_cell.angle_beta   104.344
_cell.angle_gamma   90.000
#
_symmetry.space_group_name_H-M   'P 1 21 1'
#
loop_
_entity.id
_entity.type
_entity.pdbx_description
1 polymer 'Helix-turn-helix domain'
2 non-polymer 'CHLORIDE ION'
3 non-polymer 'SODIUM ION'
4 water water
#
_entity_poly.entity_id   1
_entity_poly.type   'polypeptide(L)'
_entity_poly.pdbx_seq_one_letter_code
;SNA(MSE)NEYRIQKLYRYICLEFKNQRQLIGKRQEEVAFDLSVTAGHLSRIENGKKPRIALHTFLV(MSE)SEYYGVDF
HKVVKNAEEK(MSE)ELDEGI
;
_entity_poly.pdbx_strand_id   A,B
#
loop_
_chem_comp.id
_chem_comp.type
_chem_comp.name
_chem_comp.formula
CL non-polymer 'CHLORIDE ION' 'Cl -1'
NA non-polymer 'SODIUM ION' 'Na 1'
#
# COMPACT_ATOMS: atom_id res chain seq x y z
N MSE A 4 13.42 6.73 12.25
CA MSE A 4 12.50 6.46 11.15
C MSE A 4 12.93 7.17 9.86
O MSE A 4 13.17 8.39 9.86
CB MSE A 4 11.07 6.85 11.50
CG MSE A 4 10.42 5.99 12.58
SE MSE A 4 10.07 4.15 11.98
CE MSE A 4 8.58 4.50 10.79
N ASN A 5 13.03 6.42 8.78
CA ASN A 5 13.55 6.95 7.51
C ASN A 5 12.40 7.61 6.74
N GLU A 6 12.11 8.86 7.10
CA GLU A 6 11.01 9.59 6.47
C GLU A 6 11.30 9.88 5.01
N TYR A 7 12.57 10.12 4.67
CA TYR A 7 12.92 10.37 3.28
C TYR A 7 12.54 9.17 2.42
N ARG A 8 12.92 7.96 2.87
CA ARG A 8 12.63 6.77 2.09
C ARG A 8 11.14 6.49 2.00
N ILE A 9 10.42 6.67 3.11
CA ILE A 9 8.96 6.45 3.11
C ILE A 9 8.29 7.32 2.07
N GLN A 10 8.67 8.59 2.00
CA GLN A 10 8.02 9.50 1.07
C GLN A 10 8.44 9.20 -0.37
N LYS A 11 9.73 8.93 -0.61
CA LYS A 11 10.14 8.60 -1.97
C LYS A 11 9.49 7.32 -2.46
N LEU A 12 9.43 6.29 -1.61
CA LEU A 12 8.84 5.04 -2.05
C LEU A 12 7.38 5.24 -2.43
N TYR A 13 6.64 6.02 -1.63
CA TYR A 13 5.27 6.34 -2.00
C TYR A 13 5.20 6.93 -3.41
N ARG A 14 6.08 7.87 -3.71
CA ARG A 14 6.00 8.49 -5.04
C ARG A 14 6.43 7.51 -6.14
N TYR A 15 7.41 6.63 -5.88
CA TYR A 15 7.74 5.63 -6.88
C TYR A 15 6.60 4.65 -7.12
N ILE A 16 5.83 4.31 -6.08
CA ILE A 16 4.66 3.45 -6.27
C ILE A 16 3.64 4.15 -7.17
N CYS A 17 3.36 5.43 -6.90
CA CYS A 17 2.41 6.16 -7.72
C CYS A 17 2.86 6.20 -9.17
N LEU A 18 4.14 6.54 -9.41
CA LEU A 18 4.65 6.60 -10.77
C LEU A 18 4.66 5.24 -11.45
N GLU A 19 4.75 4.17 -10.66
CA GLU A 19 4.65 2.85 -11.24
C GLU A 19 3.28 2.63 -11.89
N PHE A 20 2.23 3.20 -11.28
CA PHE A 20 0.90 3.13 -11.91
C PHE A 20 0.85 3.93 -13.21
N LYS A 21 1.55 5.06 -13.29
CA LYS A 21 1.64 5.78 -14.55
C LYS A 21 2.32 4.91 -15.60
N ASN A 22 3.39 4.21 -15.20
CA ASN A 22 4.08 3.29 -16.10
C ASN A 22 3.17 2.14 -16.52
N GLN A 23 2.43 1.57 -15.57
CA GLN A 23 1.54 0.45 -15.90
C GLN A 23 0.46 0.87 -16.90
N ARG A 24 -0.06 2.09 -16.75
CA ARG A 24 -1.04 2.57 -17.73
C ARG A 24 -0.40 2.70 -19.10
N GLN A 25 0.83 3.23 -19.16
CA GLN A 25 1.47 3.45 -20.45
C GLN A 25 1.82 2.15 -21.14
N LEU A 26 2.21 1.12 -20.36
CA LEU A 26 2.56 -0.16 -20.95
C LEU A 26 1.39 -0.76 -21.73
N ILE A 27 0.15 -0.48 -21.29
CA ILE A 27 -1.03 -1.00 -22.00
C ILE A 27 -1.68 0.03 -22.90
N GLY A 28 -1.11 1.23 -23.00
CA GLY A 28 -1.54 2.17 -24.01
C GLY A 28 -2.86 2.87 -23.78
N LYS A 29 -3.32 3.00 -22.53
CA LYS A 29 -4.57 3.70 -22.26
C LYS A 29 -4.26 5.15 -21.90
N ARG A 30 -5.12 6.06 -22.36
CA ARG A 30 -4.96 7.47 -22.03
C ARG A 30 -5.54 7.77 -20.65
N GLN A 31 -5.07 8.87 -20.06
CA GLN A 31 -5.55 9.29 -18.74
C GLN A 31 -7.06 9.47 -18.74
N GLU A 32 -7.60 10.07 -19.79
CA GLU A 32 -9.04 10.39 -19.83
C GLU A 32 -9.87 9.11 -19.80
N GLU A 33 -9.39 8.06 -20.47
CA GLU A 33 -10.12 6.79 -20.46
C GLU A 33 -10.14 6.17 -19.07
N VAL A 34 -8.98 6.12 -18.42
CA VAL A 34 -8.90 5.53 -17.09
C VAL A 34 -9.70 6.36 -16.09
N ALA A 35 -9.63 7.69 -16.21
CA ALA A 35 -10.41 8.55 -15.32
C ALA A 35 -11.90 8.25 -15.44
N PHE A 36 -12.39 8.03 -16.66
CA PHE A 36 -13.80 7.69 -16.86
C PHE A 36 -14.13 6.34 -16.24
N ASP A 37 -13.30 5.33 -16.49
CA ASP A 37 -13.57 4.00 -15.96
C ASP A 37 -13.55 3.99 -14.43
N LEU A 38 -12.64 4.76 -13.83
CA LEU A 38 -12.54 4.80 -12.38
C LEU A 38 -13.36 5.92 -11.76
N SER A 39 -14.18 6.60 -12.56
CA SER A 39 -15.09 7.63 -12.06
CA SER A 39 -15.09 7.63 -12.06
C SER A 39 -14.36 8.70 -11.26
N VAL A 40 -13.29 9.25 -11.85
CA VAL A 40 -12.57 10.39 -11.30
C VAL A 40 -12.28 11.35 -12.45
N THR A 41 -11.89 12.57 -12.10
CA THR A 41 -11.51 13.51 -13.16
C THR A 41 -10.13 13.15 -13.68
N ALA A 42 -9.87 13.54 -14.93
CA ALA A 42 -8.53 13.31 -15.48
C ALA A 42 -7.48 14.01 -14.64
N GLY A 43 -7.78 15.21 -14.14
CA GLY A 43 -6.87 15.89 -13.25
C GLY A 43 -6.60 15.13 -11.96
N HIS A 44 -7.66 14.56 -11.37
CA HIS A 44 -7.50 13.74 -10.17
CA HIS A 44 -7.49 13.75 -10.17
C HIS A 44 -6.59 12.55 -10.43
N LEU A 45 -6.84 11.83 -11.53
CA LEU A 45 -5.99 10.69 -11.84
C LEU A 45 -4.55 11.14 -12.08
N SER A 46 -4.37 12.27 -12.75
CA SER A 46 -3.03 12.77 -13.01
C SER A 46 -2.28 13.04 -11.70
N ARG A 47 -2.96 13.65 -10.73
CA ARG A 47 -2.31 13.94 -9.46
C ARG A 47 -1.95 12.65 -8.72
N ILE A 48 -2.77 11.61 -8.84
CA ILE A 48 -2.43 10.32 -8.25
C ILE A 48 -1.20 9.72 -8.93
N GLU A 49 -1.24 9.61 -10.27
CA GLU A 49 -0.14 8.99 -11.02
C GLU A 49 1.19 9.71 -10.84
N ASN A 50 1.16 11.02 -10.69
CA ASN A 50 2.38 11.78 -10.55
C ASN A 50 2.83 11.93 -9.11
N GLY A 51 2.21 11.21 -8.18
CA GLY A 51 2.67 11.23 -6.81
C GLY A 51 2.45 12.56 -6.12
N LYS A 52 1.41 13.30 -6.49
CA LYS A 52 1.17 14.63 -5.95
C LYS A 52 0.25 14.65 -4.73
N LYS A 53 -0.47 13.56 -4.47
CA LYS A 53 -1.37 13.48 -3.30
C LYS A 53 -0.80 12.50 -2.29
N PRO A 54 -0.34 12.95 -1.11
CA PRO A 54 0.46 12.05 -0.24
C PRO A 54 -0.31 11.03 0.60
N ARG A 55 -1.62 11.21 0.79
CA ARG A 55 -2.38 10.41 1.74
C ARG A 55 -3.45 9.57 1.06
N ILE A 56 -3.20 9.14 -0.17
CA ILE A 56 -4.13 8.28 -0.89
C ILE A 56 -4.25 6.95 -0.16
N ALA A 57 -5.48 6.47 -0.06
CA ALA A 57 -5.76 5.22 0.63
C ALA A 57 -5.13 4.05 -0.10
N LEU A 58 -4.63 3.08 0.69
CA LEU A 58 -4.17 1.83 0.09
C LEU A 58 -5.24 1.23 -0.83
N HIS A 59 -6.51 1.34 -0.43
CA HIS A 59 -7.61 0.79 -1.22
C HIS A 59 -7.54 1.29 -2.65
N THR A 60 -7.21 2.57 -2.85
CA THR A 60 -7.17 3.13 -4.19
C THR A 60 -6.13 2.42 -5.05
N PHE A 61 -4.97 2.11 -4.47
CA PHE A 61 -3.95 1.39 -5.22
C PHE A 61 -4.34 -0.06 -5.49
N LEU A 62 -5.08 -0.69 -4.57
CA LEU A 62 -5.57 -2.03 -4.86
C LEU A 62 -6.60 -2.02 -5.99
N VAL A 63 -7.46 -1.01 -6.01
CA VAL A 63 -8.42 -0.86 -7.11
C VAL A 63 -7.68 -0.70 -8.43
N MSE A 64 -6.70 0.19 -8.47
CA MSE A 64 -5.97 0.42 -9.71
C MSE A 64 -5.20 -0.82 -10.14
O MSE A 64 -5.11 -1.09 -11.34
CB MSE A 64 -5.06 1.63 -9.60
CG MSE A 64 -5.83 2.90 -9.35
SE MSE A 64 -4.66 4.41 -9.04
CE MSE A 64 -3.76 4.42 -10.75
N SER A 65 -4.66 -1.59 -9.18
CA SER A 65 -3.95 -2.82 -9.57
C SER A 65 -4.89 -3.79 -10.27
N GLU A 66 -6.10 -3.95 -9.73
CA GLU A 66 -7.08 -4.83 -10.35
C GLU A 66 -7.49 -4.30 -11.71
N TYR A 67 -7.68 -2.98 -11.80
CA TYR A 67 -8.07 -2.37 -13.07
C TYR A 67 -7.05 -2.65 -14.16
N TYR A 68 -5.77 -2.49 -13.84
CA TYR A 68 -4.72 -2.73 -14.84
C TYR A 68 -4.37 -4.21 -14.99
N GLY A 69 -4.86 -5.07 -14.12
CA GLY A 69 -4.52 -6.48 -14.21
C GLY A 69 -3.09 -6.79 -13.80
N VAL A 70 -2.53 -6.00 -12.88
CA VAL A 70 -1.19 -6.18 -12.38
C VAL A 70 -1.25 -6.45 -10.88
N ASP A 71 -0.45 -7.42 -10.43
CA ASP A 71 -0.38 -7.74 -9.02
C ASP A 71 0.26 -6.60 -8.23
N PHE A 72 -0.41 -6.16 -7.16
CA PHE A 72 0.14 -5.05 -6.39
C PHE A 72 1.51 -5.37 -5.81
N HIS A 73 1.79 -6.63 -5.45
CA HIS A 73 3.14 -6.87 -4.94
C HIS A 73 4.22 -6.64 -5.98
N LYS A 74 3.92 -6.88 -7.26
CA LYS A 74 4.90 -6.58 -8.29
C LYS A 74 5.03 -5.07 -8.49
N VAL A 75 3.91 -4.34 -8.41
CA VAL A 75 3.99 -2.88 -8.50
C VAL A 75 4.93 -2.34 -7.44
N VAL A 76 4.75 -2.78 -6.19
CA VAL A 76 5.55 -2.29 -5.09
C VAL A 76 7.01 -2.72 -5.25
N LYS A 77 7.23 -3.97 -5.65
CA LYS A 77 8.60 -4.43 -5.85
C LYS A 77 9.29 -3.63 -6.94
N ASN A 78 8.58 -3.36 -8.04
CA ASN A 78 9.15 -2.54 -9.11
C ASN A 78 9.53 -1.16 -8.59
N ALA A 79 8.67 -0.56 -7.79
CA ALA A 79 8.92 0.74 -7.20
C ALA A 79 10.16 0.73 -6.29
N GLU A 80 10.25 -0.27 -5.41
CA GLU A 80 11.40 -0.37 -4.51
CA GLU A 80 11.40 -0.37 -4.51
C GLU A 80 12.69 -0.49 -5.30
N GLU A 81 12.68 -1.33 -6.34
CA GLU A 81 13.89 -1.57 -7.10
C GLU A 81 14.31 -0.33 -7.87
N LYS A 82 13.34 0.41 -8.43
CA LYS A 82 13.68 1.60 -9.19
C LYS A 82 14.22 2.67 -8.27
N MSE A 83 13.66 2.78 -7.05
CA MSE A 83 14.19 3.75 -6.10
C MSE A 83 15.63 3.39 -5.69
O MSE A 83 16.48 4.27 -5.59
CB MSE A 83 13.25 3.90 -4.89
CG MSE A 83 13.83 4.74 -3.75
SE MSE A 83 12.62 4.83 -2.24
CE MSE A 83 12.75 2.98 -1.67
N GLU A 84 15.91 2.10 -5.48
CA GLU A 84 17.26 1.69 -5.14
C GLU A 84 18.23 2.00 -6.27
N LEU A 85 17.80 1.76 -7.51
CA LEU A 85 18.66 2.03 -8.65
C LEU A 85 18.95 3.53 -8.78
N ASP A 86 17.90 4.36 -8.66
CA ASP A 86 18.05 5.80 -8.82
C ASP A 86 18.77 6.46 -7.65
N GLU A 87 18.50 6.02 -6.41
CA GLU A 87 18.90 6.74 -5.21
C GLU A 87 19.79 5.96 -4.26
N GLY A 88 19.93 4.65 -4.46
CA GLY A 88 20.75 3.84 -3.58
C GLY A 88 20.17 3.55 -2.22
N ILE A 89 18.85 3.67 -2.06
CA ILE A 89 18.23 3.38 -0.78
C ILE A 89 17.08 2.39 -0.95
N ASN B 5 -13.89 -9.51 -7.79
CA ASN B 5 -13.08 -8.31 -7.95
C ASN B 5 -13.02 -7.51 -6.64
N GLU B 6 -14.16 -6.96 -6.24
CA GLU B 6 -14.20 -6.18 -5.00
C GLU B 6 -13.95 -7.04 -3.78
N TYR B 7 -14.38 -8.32 -3.84
CA TYR B 7 -14.11 -9.23 -2.73
C TYR B 7 -12.62 -9.40 -2.54
N ARG B 8 -11.88 -9.64 -3.63
CA ARG B 8 -10.43 -9.78 -3.52
C ARG B 8 -9.81 -8.48 -3.02
N ILE B 9 -10.29 -7.32 -3.51
CA ILE B 9 -9.77 -6.05 -3.03
C ILE B 9 -9.94 -5.94 -1.52
N GLN B 10 -11.16 -6.21 -1.03
N GLN B 10 -11.16 -6.21 -1.03
CA GLN B 10 -11.42 -6.14 0.39
CA GLN B 10 -11.38 -6.13 0.42
C GLN B 10 -10.64 -7.21 1.15
C GLN B 10 -10.59 -7.20 1.14
N LYS B 11 -10.58 -8.42 0.60
CA LYS B 11 -9.91 -9.52 1.28
C LYS B 11 -8.41 -9.27 1.36
N LEU B 12 -7.80 -8.85 0.25
CA LEU B 12 -6.36 -8.61 0.28
C LEU B 12 -6.02 -7.50 1.26
N TYR B 13 -6.84 -6.44 1.29
CA TYR B 13 -6.63 -5.39 2.28
C TYR B 13 -6.62 -5.94 3.70
N ARG B 14 -7.63 -6.76 4.04
CA ARG B 14 -7.68 -7.37 5.36
CA ARG B 14 -7.67 -7.37 5.36
C ARG B 14 -6.41 -8.18 5.63
N TYR B 15 -5.95 -8.96 4.66
CA TYR B 15 -4.77 -9.78 4.88
C TYR B 15 -3.50 -8.93 5.02
N ILE B 16 -3.41 -7.80 4.32
CA ILE B 16 -2.26 -6.91 4.53
C ILE B 16 -2.25 -6.41 5.97
N CYS B 17 -3.42 -5.98 6.46
CA CYS B 17 -3.51 -5.54 7.86
C CYS B 17 -3.12 -6.65 8.81
N LEU B 18 -3.64 -7.87 8.58
CA LEU B 18 -3.33 -8.99 9.46
C LEU B 18 -1.86 -9.39 9.36
N GLU B 19 -1.23 -9.16 8.20
CA GLU B 19 0.20 -9.41 8.08
C GLU B 19 0.97 -8.45 8.98
N PHE B 20 0.53 -7.20 9.07
CA PHE B 20 1.18 -6.32 10.03
C PHE B 20 0.93 -6.77 11.47
N LYS B 21 -0.28 -7.27 11.76
CA LYS B 21 -0.51 -7.82 13.09
C LYS B 21 0.46 -8.97 13.35
N ASN B 22 0.69 -9.82 12.33
CA ASN B 22 1.63 -10.92 12.52
C ASN B 22 3.05 -10.41 12.71
N GLN B 23 3.43 -9.35 12.00
CA GLN B 23 4.78 -8.82 12.19
C GLN B 23 5.00 -8.44 13.65
N ARG B 24 3.98 -7.84 14.29
CA ARG B 24 4.11 -7.47 15.69
C ARG B 24 4.14 -8.70 16.59
N GLN B 25 3.28 -9.68 16.33
CA GLN B 25 3.21 -10.84 17.22
C GLN B 25 4.48 -11.68 17.10
N LEU B 26 5.03 -11.73 15.89
CA LEU B 26 6.30 -12.44 15.68
CA LEU B 26 6.31 -12.41 15.64
C LEU B 26 7.39 -11.91 16.59
N ILE B 27 7.54 -10.57 16.67
CA ILE B 27 8.59 -9.99 17.49
C ILE B 27 8.20 -9.83 18.95
N GLY B 28 6.99 -10.26 19.33
CA GLY B 28 6.62 -10.34 20.73
C GLY B 28 6.31 -9.01 21.39
N LYS B 29 5.95 -7.99 20.61
CA LYS B 29 5.65 -6.67 21.17
C LYS B 29 4.15 -6.51 21.37
N ARG B 30 3.78 -5.79 22.43
CA ARG B 30 2.38 -5.49 22.65
C ARG B 30 1.98 -4.29 21.79
N GLN B 31 0.66 -4.18 21.56
CA GLN B 31 0.14 -3.05 20.79
C GLN B 31 0.59 -1.72 21.40
N GLU B 32 0.60 -1.63 22.74
CA GLU B 32 0.91 -0.36 23.40
C GLU B 32 2.34 0.07 23.11
N GLU B 33 3.27 -0.88 23.03
CA GLU B 33 4.66 -0.54 22.77
C GLU B 33 4.86 -0.02 21.35
N VAL B 34 4.31 -0.73 20.37
CA VAL B 34 4.44 -0.31 18.98
C VAL B 34 3.74 1.03 18.77
N ALA B 35 2.56 1.19 19.36
CA ALA B 35 1.81 2.43 19.23
C ALA B 35 2.62 3.61 19.76
N PHE B 36 3.30 3.41 20.90
CA PHE B 36 4.10 4.49 21.45
C PHE B 36 5.23 4.85 20.51
N ASP B 37 5.89 3.84 19.93
CA ASP B 37 6.97 4.08 18.98
C ASP B 37 6.49 4.85 17.75
N LEU B 38 5.26 4.60 17.32
CA LEU B 38 4.69 5.22 16.12
C LEU B 38 3.91 6.49 16.42
N SER B 39 3.85 6.92 17.68
CA SER B 39 3.08 8.09 18.10
C SER B 39 1.62 8.03 17.66
N VAL B 40 1.00 6.87 17.90
CA VAL B 40 -0.44 6.66 17.69
C VAL B 40 -0.99 6.01 18.95
N THR B 41 -2.32 5.99 19.07
CA THR B 41 -2.88 5.27 20.21
C THR B 41 -2.87 3.76 19.95
N ALA B 42 -2.89 2.99 21.05
CA ALA B 42 -2.98 1.54 20.94
C ALA B 42 -4.26 1.13 20.22
N GLY B 43 -5.37 1.84 20.48
CA GLY B 43 -6.62 1.54 19.80
C GLY B 43 -6.53 1.77 18.30
N HIS B 44 -5.86 2.87 17.91
CA HIS B 44 -5.69 3.12 16.48
CA HIS B 44 -5.68 3.13 16.49
C HIS B 44 -4.93 1.99 15.82
N LEU B 45 -3.80 1.59 16.41
CA LEU B 45 -3.03 0.48 15.84
C LEU B 45 -3.85 -0.79 15.81
N SER B 46 -4.61 -1.07 16.87
CA SER B 46 -5.43 -2.29 16.91
C SER B 46 -6.47 -2.28 15.80
N ARG B 47 -7.13 -1.15 15.58
CA ARG B 47 -8.13 -1.09 14.52
C ARG B 47 -7.52 -1.25 13.14
N ILE B 48 -6.28 -0.76 12.93
CA ILE B 48 -5.59 -1.02 11.68
C ILE B 48 -5.27 -2.50 11.54
N GLU B 49 -4.63 -3.08 12.57
CA GLU B 49 -4.19 -4.48 12.49
C GLU B 49 -5.35 -5.43 12.22
N ASN B 50 -6.52 -5.13 12.78
CA ASN B 50 -7.66 -6.03 12.65
C ASN B 50 -8.55 -5.73 11.45
N GLY B 51 -8.12 -4.87 10.53
CA GLY B 51 -8.85 -4.64 9.29
C GLY B 51 -10.16 -3.86 9.41
N LYS B 52 -10.32 -3.05 10.45
CA LYS B 52 -11.57 -2.32 10.66
C LYS B 52 -11.60 -0.92 10.08
N LYS B 53 -10.45 -0.39 9.65
CA LYS B 53 -10.40 0.93 9.05
C LYS B 53 -10.13 0.73 7.57
N PRO B 54 -11.11 0.95 6.70
CA PRO B 54 -10.96 0.55 5.28
C PRO B 54 -10.15 1.53 4.43
N ARG B 55 -9.93 2.75 4.90
CA ARG B 55 -9.34 3.80 4.06
CA ARG B 55 -9.34 3.80 4.06
C ARG B 55 -8.00 4.29 4.61
N ILE B 56 -7.27 3.44 5.31
CA ILE B 56 -5.96 3.84 5.82
C ILE B 56 -5.04 4.18 4.64
N ALA B 57 -4.28 5.26 4.79
CA ALA B 57 -3.39 5.73 3.73
C ALA B 57 -2.26 4.74 3.45
N LEU B 58 -1.90 4.60 2.18
CA LEU B 58 -0.70 3.83 1.86
C LEU B 58 0.48 4.29 2.72
N HIS B 59 0.59 5.59 2.96
CA HIS B 59 1.68 6.12 3.78
C HIS B 59 1.77 5.41 5.13
N THR B 60 0.63 5.15 5.77
CA THR B 60 0.68 4.50 7.08
C THR B 60 1.28 3.11 6.98
N PHE B 61 0.93 2.37 5.92
CA PHE B 61 1.49 1.04 5.73
C PHE B 61 2.98 1.10 5.43
N LEU B 62 3.43 2.14 4.71
CA LEU B 62 4.86 2.30 4.48
C LEU B 62 5.61 2.64 5.77
N VAL B 63 5.01 3.47 6.63
CA VAL B 63 5.61 3.75 7.94
C VAL B 63 5.78 2.46 8.73
N MSE B 64 4.75 1.63 8.74
CA MSE B 64 4.82 0.39 9.51
CA MSE B 64 4.82 0.38 9.49
C MSE B 64 5.86 -0.58 8.92
O MSE B 64 6.57 -1.27 9.67
CB MSE B 64 3.43 -0.24 9.61
CB MSE B 64 3.45 -0.30 9.55
CG MSE B 64 2.44 0.67 10.37
CG MSE B 64 2.49 0.35 10.53
SE MSE B 64 0.59 0.12 10.22
SE MSE B 64 0.98 -0.81 10.95
CE MSE B 64 0.59 -1.53 11.28
CE MSE B 64 -0.06 -0.55 9.31
N SER B 65 5.96 -0.64 7.58
CA SER B 65 6.98 -1.49 6.97
C SER B 65 8.37 -1.03 7.38
N GLU B 66 8.58 0.29 7.41
CA GLU B 66 9.86 0.81 7.87
C GLU B 66 10.10 0.47 9.34
N TYR B 67 9.06 0.59 10.15
CA TYR B 67 9.20 0.30 11.57
C TYR B 67 9.62 -1.14 11.81
N TYR B 68 8.99 -2.07 11.11
CA TYR B 68 9.30 -3.49 11.27
C TYR B 68 10.52 -3.90 10.48
N GLY B 69 11.01 -3.05 9.58
CA GLY B 69 12.16 -3.41 8.78
C GLY B 69 11.89 -4.50 7.76
N VAL B 70 10.66 -4.61 7.26
CA VAL B 70 10.29 -5.59 6.26
C VAL B 70 9.83 -4.81 5.02
N ASP B 71 10.30 -5.24 3.84
CA ASP B 71 9.93 -4.57 2.60
C ASP B 71 8.43 -4.64 2.41
N PHE B 72 7.81 -3.52 2.04
CA PHE B 72 6.37 -3.56 1.84
C PHE B 72 5.98 -4.56 0.75
N HIS B 73 6.80 -4.76 -0.28
CA HIS B 73 6.42 -5.76 -1.28
C HIS B 73 6.36 -7.15 -0.67
N LYS B 74 7.20 -7.43 0.34
CA LYS B 74 7.17 -8.72 1.02
C LYS B 74 5.94 -8.84 1.93
N VAL B 75 5.53 -7.75 2.59
CA VAL B 75 4.28 -7.74 3.34
C VAL B 75 3.12 -8.12 2.42
N VAL B 76 3.06 -7.49 1.23
CA VAL B 76 1.98 -7.75 0.30
C VAL B 76 2.02 -9.19 -0.21
N LYS B 77 3.20 -9.66 -0.60
CA LYS B 77 3.33 -11.05 -1.05
C LYS B 77 2.93 -12.03 0.05
N ASN B 78 3.38 -11.78 1.28
CA ASN B 78 2.99 -12.63 2.42
C ASN B 78 1.48 -12.66 2.58
N ALA B 79 0.84 -11.49 2.50
CA ALA B 79 -0.61 -11.42 2.63
C ALA B 79 -1.30 -12.21 1.54
N GLU B 80 -0.81 -12.11 0.30
CA GLU B 80 -1.39 -12.88 -0.79
C GLU B 80 -1.25 -14.37 -0.55
N GLU B 81 -0.07 -14.80 -0.07
CA GLU B 81 0.15 -16.21 0.19
C GLU B 81 -0.75 -16.71 1.31
N LYS B 82 -0.91 -15.92 2.37
CA LYS B 82 -1.74 -16.35 3.48
C LYS B 82 -3.20 -16.41 3.08
N MSE B 83 -3.64 -15.45 2.27
CA MSE B 83 -5.01 -15.45 1.75
C MSE B 83 -5.29 -16.71 0.93
O MSE B 83 -6.37 -17.29 1.01
CB MSE B 83 -5.23 -14.17 0.94
CG MSE B 83 -6.62 -14.04 0.33
SE MSE B 83 -6.85 -12.32 -0.53
CE MSE B 83 -5.99 -12.73 -2.24
N GLU B 84 -4.29 -17.16 0.16
CA GLU B 84 -4.45 -18.40 -0.60
C GLU B 84 -4.45 -19.63 0.31
N LEU B 85 -3.58 -19.64 1.33
CA LEU B 85 -3.52 -20.77 2.27
C LEU B 85 -4.85 -20.95 2.97
N ASP B 86 -5.42 -19.86 3.46
CA ASP B 86 -6.73 -19.91 4.07
C ASP B 86 -7.77 -20.19 2.98
N GLU B 87 -7.53 -19.63 1.79
CA GLU B 87 -8.46 -19.57 0.67
C GLU B 87 -9.90 -19.42 1.12
CL CL C . 2.08 20.31 -10.70
CL CL D . -2.78 10.08 -21.67
CL CL E . -3.59 13.22 -0.27
NA NA F . 9.30 -0.72 2.49
NA NA G . -12.70 13.15 -8.64
NA NA H . 9.24 -11.26 -4.18
NA NA I . -9.07 5.09 14.71
#